data_8P5G
#
_entry.id   8P5G
#
_cell.length_a   95.800
_cell.length_b   111.670
_cell.length_c   84.500
_cell.angle_alpha   90.000
_cell.angle_beta   90.000
_cell.angle_gamma   90.000
#
_symmetry.space_group_name_H-M   'P 21 21 2'
#
loop_
_entity.id
_entity.type
_entity.pdbx_description
1 polymer 'Serine/threonine-protein kinase ULK1'
2 non-polymer 4-FLUORO-2-(4-{[(3S,4R)-4-(1-HYDROXY-1-METHYLETHYL)PYRROLIDIN-3-YL]AMINO}-6,7-DIMETHOXYQUINAZOLIN-2-YL)PHENOL
3 non-polymer 'MAGNESIUM ION'
4 non-polymer 'SODIUM ION'
5 water water
#
_entity_poly.entity_id   1
_entity_poly.type   'polypeptide(L)'
_entity_poly.pdbx_seq_one_letter_code
;SMEPGRGGTETVGKFEFSRKDLIGHGAFAVVFKGRHREKHDLEVAVKCINKKNLAKSQTLLGKEIKILKELKHENIVALY
DFQEMANSVYLVMEYCNGGDLADYLHAMRTLSEDTIRLFLQQIAGAMRLLHSKGIIHRDLKPQNILLSNPAGRRANPNSI
RVKIADFGFARYLQSNMMAA(TPO)LCGSPMYMAPEVIMSQHYDGKADLWSIGTIVYQCLTGKAPFQASSPQDLRLFYEK
NKTLVPTIPRETSAPLRQLLLALLQRNHKDRMDFDEFFHHPFLDASPS
;
_entity_poly.pdbx_strand_id   A,B
#
loop_
_chem_comp.id
_chem_comp.type
_chem_comp.name
_chem_comp.formula
MG non-polymer 'MAGNESIUM ION' 'Mg 2'
NA non-polymer 'SODIUM ION' 'Na 1'
XBJ non-polymer 4-FLUORO-2-(4-{[(3S,4R)-4-(1-HYDROXY-1-METHYLETHYL)PYRROLIDIN-3-YL]AMINO}-6,7-DIMETHOXYQUINAZOLIN-2-YL)PHENOL 'C23 H27 F N4 O4'
#
# COMPACT_ATOMS: atom_id res chain seq x y z
N THR A 9 -39.83 2.27 -13.59
CA THR A 9 -39.90 3.74 -13.80
C THR A 9 -38.52 4.28 -14.17
N GLU A 10 -37.47 4.19 -13.30
CA GLU A 10 -36.23 4.91 -13.59
C GLU A 10 -35.10 3.99 -14.08
N THR A 11 -34.33 4.47 -15.05
CA THR A 11 -33.25 3.67 -15.61
C THR A 11 -31.90 4.33 -15.30
N VAL A 12 -30.88 3.51 -15.06
CA VAL A 12 -29.50 3.95 -14.90
C VAL A 12 -28.65 2.98 -15.67
N GLY A 13 -28.21 3.36 -16.88
CA GLY A 13 -27.48 2.44 -17.71
C GLY A 13 -28.33 1.20 -17.99
N LYS A 14 -27.75 0.01 -17.74
CA LYS A 14 -28.41 -1.25 -18.01
C LYS A 14 -29.25 -1.71 -16.83
N PHE A 15 -29.64 -0.80 -15.95
CA PHE A 15 -30.28 -1.16 -14.70
C PHE A 15 -31.48 -0.27 -14.54
N GLU A 16 -32.40 -0.67 -13.67
CA GLU A 16 -33.60 0.10 -13.45
CA GLU A 16 -33.59 0.11 -13.43
C GLU A 16 -34.10 -0.15 -12.04
N PHE A 17 -34.88 0.78 -11.54
CA PHE A 17 -35.50 0.66 -10.24
C PHE A 17 -36.72 1.54 -10.22
N SER A 18 -37.57 1.27 -9.24
CA SER A 18 -38.66 2.19 -8.93
C SER A 18 -38.55 2.65 -7.49
N ARG A 19 -38.91 3.92 -7.26
CA ARG A 19 -38.84 4.55 -5.96
C ARG A 19 -39.91 3.99 -5.03
N LYS A 20 -40.82 3.16 -5.56
CA LYS A 20 -41.69 2.37 -4.71
C LYS A 20 -40.84 1.44 -3.84
N ASP A 21 -39.73 0.92 -4.38
CA ASP A 21 -38.98 -0.16 -3.74
C ASP A 21 -37.86 0.43 -2.86
N LEU A 22 -38.25 1.21 -1.84
CA LEU A 22 -37.34 1.85 -0.92
C LEU A 22 -36.70 0.80 -0.01
N ILE A 23 -35.36 0.75 0.05
CA ILE A 23 -34.64 -0.10 0.99
C ILE A 23 -34.44 0.67 2.27
N GLY A 24 -34.03 1.93 2.14
CA GLY A 24 -34.01 2.84 3.27
C GLY A 24 -33.29 4.13 2.93
N HIS A 25 -33.17 4.99 3.93
CA HIS A 25 -32.54 6.28 3.74
C HIS A 25 -31.74 6.59 4.99
N GLY A 26 -30.69 7.37 4.82
CA GLY A 26 -30.04 8.09 5.89
C GLY A 26 -29.88 9.53 5.42
N ALA A 27 -29.19 10.33 6.22
CA ALA A 27 -29.07 11.74 5.95
C ALA A 27 -28.46 12.00 4.58
N PHE A 28 -27.61 11.09 4.08
CA PHE A 28 -26.78 11.44 2.94
C PHE A 28 -27.02 10.52 1.75
N ALA A 29 -27.97 9.58 1.85
CA ALA A 29 -28.28 8.70 0.74
C ALA A 29 -29.66 8.09 0.92
N VAL A 30 -30.30 7.78 -0.20
CA VAL A 30 -31.52 6.99 -0.23
C VAL A 30 -31.21 5.79 -1.10
N VAL A 31 -31.63 4.59 -0.66
CA VAL A 31 -31.30 3.37 -1.39
C VAL A 31 -32.60 2.70 -1.83
N PHE A 32 -32.64 2.22 -3.08
CA PHE A 32 -33.78 1.50 -3.63
C PHE A 32 -33.32 0.16 -4.19
N LYS A 33 -34.23 -0.81 -4.21
CA LYS A 33 -33.91 -2.06 -4.87
C LYS A 33 -34.21 -1.93 -6.36
N GLY A 34 -33.47 -2.65 -7.20
CA GLY A 34 -33.64 -2.56 -8.65
C GLY A 34 -33.19 -3.83 -9.29
N ARG A 35 -32.98 -3.80 -10.61
CA ARG A 35 -32.57 -5.01 -11.27
C ARG A 35 -31.95 -4.62 -12.59
N HIS A 36 -31.24 -5.56 -13.19
CA HIS A 36 -30.71 -5.38 -14.53
C HIS A 36 -31.90 -5.46 -15.50
N ARG A 37 -31.83 -4.70 -16.61
CA ARG A 37 -32.96 -4.54 -17.51
C ARG A 37 -33.08 -5.73 -18.45
N GLU A 38 -31.96 -6.38 -18.79
CA GLU A 38 -31.92 -7.60 -19.57
C GLU A 38 -32.11 -8.79 -18.64
N LYS A 39 -31.26 -8.91 -17.62
CA LYS A 39 -31.28 -10.03 -16.67
C LYS A 39 -32.06 -9.66 -15.42
N HIS A 40 -33.37 -9.88 -15.46
CA HIS A 40 -34.29 -9.40 -14.45
C HIS A 40 -34.02 -10.04 -13.08
N ASP A 41 -33.37 -11.21 -13.06
CA ASP A 41 -33.08 -11.88 -11.80
C ASP A 41 -31.81 -11.31 -11.12
N LEU A 42 -31.03 -10.46 -11.81
CA LEU A 42 -29.89 -9.79 -11.17
C LEU A 42 -30.37 -8.58 -10.38
N GLU A 43 -30.48 -8.74 -9.05
CA GLU A 43 -30.93 -7.69 -8.18
C GLU A 43 -29.77 -6.73 -7.90
N VAL A 44 -30.11 -5.47 -7.59
CA VAL A 44 -29.12 -4.45 -7.31
C VAL A 44 -29.74 -3.55 -6.29
N ALA A 45 -28.87 -2.81 -5.60
CA ALA A 45 -29.29 -1.68 -4.82
C ALA A 45 -28.80 -0.41 -5.53
N VAL A 46 -29.64 0.61 -5.53
CA VAL A 46 -29.36 1.84 -6.27
C VAL A 46 -29.36 2.93 -5.25
N LYS A 47 -28.17 3.53 -5.01
CA LYS A 47 -28.01 4.58 -4.03
C LYS A 47 -28.08 5.93 -4.74
N CYS A 48 -28.82 6.88 -4.17
CA CYS A 48 -29.18 8.14 -4.78
CA CYS A 48 -28.91 8.18 -4.81
C CYS A 48 -29.04 9.27 -3.76
N ILE A 49 -29.06 10.51 -4.25
CA ILE A 49 -28.94 11.67 -3.38
C ILE A 49 -30.12 11.73 -2.44
N ASN A 50 -29.86 12.17 -1.21
CA ASN A 50 -30.93 12.58 -0.31
C ASN A 50 -31.06 14.10 -0.41
N LYS A 51 -32.14 14.56 -1.07
CA LYS A 51 -32.25 15.97 -1.43
C LYS A 51 -32.43 16.85 -0.19
N LYS A 52 -32.76 16.23 0.96
CA LYS A 52 -32.83 16.97 2.20
C LYS A 52 -31.45 17.43 2.67
N ASN A 53 -30.35 16.80 2.22
CA ASN A 53 -29.01 17.29 2.49
C ASN A 53 -28.23 17.28 1.18
N LEU A 54 -28.74 18.06 0.22
CA LEU A 54 -28.43 17.85 -1.18
C LEU A 54 -26.93 17.95 -1.44
N ALA A 55 -26.31 19.05 -1.01
CA ALA A 55 -24.91 19.33 -1.32
C ALA A 55 -23.98 18.27 -0.72
N LYS A 56 -24.15 17.99 0.57
CA LYS A 56 -23.33 17.02 1.27
C LYS A 56 -23.55 15.63 0.68
N SER A 57 -24.82 15.28 0.39
CA SER A 57 -25.16 13.98 -0.16
C SER A 57 -24.45 13.79 -1.50
N GLN A 58 -24.52 14.80 -2.36
CA GLN A 58 -23.90 14.72 -3.67
C GLN A 58 -22.38 14.58 -3.53
N THR A 59 -21.79 15.30 -2.59
CA THR A 59 -20.33 15.20 -2.39
C THR A 59 -19.92 13.79 -1.96
N LEU A 60 -20.62 13.23 -0.95
CA LEU A 60 -20.28 11.92 -0.43
C LEU A 60 -20.48 10.81 -1.45
N LEU A 61 -21.55 10.89 -2.26
CA LEU A 61 -21.80 9.85 -3.25
C LEU A 61 -20.71 9.92 -4.31
N GLY A 62 -20.32 11.15 -4.74
CA GLY A 62 -19.22 11.29 -5.67
C GLY A 62 -17.90 10.74 -5.10
N LYS A 63 -17.63 11.00 -3.82
CA LYS A 63 -16.43 10.46 -3.18
C LYS A 63 -16.51 8.93 -3.12
N GLU A 64 -17.71 8.41 -2.90
CA GLU A 64 -17.85 6.97 -2.79
C GLU A 64 -17.56 6.30 -4.14
N ILE A 65 -18.09 6.87 -5.23
CA ILE A 65 -17.75 6.34 -6.55
C ILE A 65 -16.23 6.26 -6.77
N LYS A 66 -15.56 7.37 -6.46
CA LYS A 66 -14.12 7.51 -6.70
C LYS A 66 -13.35 6.37 -6.02
N ILE A 67 -13.73 6.00 -4.80
CA ILE A 67 -13.06 4.91 -4.11
C ILE A 67 -13.54 3.56 -4.59
N LEU A 68 -14.87 3.36 -4.58
CA LEU A 68 -15.42 2.04 -4.79
C LEU A 68 -15.09 1.52 -6.17
N LYS A 69 -14.99 2.39 -7.17
CA LYS A 69 -14.71 1.88 -8.50
C LYS A 69 -13.29 1.33 -8.58
N GLU A 70 -12.44 1.60 -7.57
CA GLU A 70 -11.10 1.06 -7.57
C GLU A 70 -10.98 -0.26 -6.80
N LEU A 71 -12.06 -0.73 -6.17
CA LEU A 71 -12.00 -1.87 -5.27
C LEU A 71 -12.82 -3.04 -5.83
N LYS A 72 -12.18 -4.17 -6.11
CA LYS A 72 -12.92 -5.38 -6.50
C LYS A 72 -12.55 -6.47 -5.52
N HIS A 73 -13.47 -6.80 -4.61
CA HIS A 73 -13.17 -7.80 -3.61
C HIS A 73 -14.49 -8.39 -3.16
N GLU A 74 -14.46 -9.68 -2.91
CA GLU A 74 -15.65 -10.39 -2.47
C GLU A 74 -16.21 -9.79 -1.19
N ASN A 75 -15.38 -9.18 -0.36
CA ASN A 75 -15.92 -8.64 0.90
C ASN A 75 -16.03 -7.12 0.90
N ILE A 76 -16.02 -6.51 -0.29
CA ILE A 76 -16.37 -5.11 -0.44
C ILE A 76 -17.55 -5.03 -1.40
N VAL A 77 -18.62 -4.32 -1.02
CA VAL A 77 -19.81 -4.28 -1.86
CA VAL A 77 -19.82 -4.23 -1.84
C VAL A 77 -19.40 -3.80 -3.25
N ALA A 78 -19.80 -4.55 -4.28
CA ALA A 78 -19.38 -4.29 -5.66
C ALA A 78 -20.20 -3.15 -6.25
N LEU A 79 -19.50 -2.29 -6.99
CA LEU A 79 -20.11 -1.19 -7.73
C LEU A 79 -20.25 -1.66 -9.17
N TYR A 80 -21.46 -1.99 -9.58
CA TYR A 80 -21.62 -2.53 -10.94
C TYR A 80 -21.57 -1.38 -11.95
N ASP A 81 -22.12 -0.24 -11.57
CA ASP A 81 -22.08 0.94 -12.41
C ASP A 81 -22.44 2.14 -11.54
N PHE A 82 -22.38 3.31 -12.16
CA PHE A 82 -22.68 4.54 -11.48
C PHE A 82 -23.03 5.56 -12.54
N GLN A 83 -23.63 6.65 -12.11
CA GLN A 83 -23.94 7.74 -13.03
C GLN A 83 -23.83 9.06 -12.29
N GLU A 84 -22.82 9.84 -12.67
CA GLU A 84 -22.62 11.13 -12.07
C GLU A 84 -22.91 12.22 -13.08
N MET A 85 -23.69 13.20 -12.63
CA MET A 85 -24.05 14.36 -13.43
C MET A 85 -23.95 15.58 -12.54
N ALA A 86 -24.21 16.76 -13.11
CA ALA A 86 -24.06 17.98 -12.35
C ALA A 86 -25.01 17.99 -11.15
N ASN A 87 -26.23 17.49 -11.32
CA ASN A 87 -27.21 17.62 -10.24
C ASN A 87 -27.72 16.29 -9.72
N SER A 88 -27.08 15.17 -10.07
CA SER A 88 -27.58 13.88 -9.67
C SER A 88 -26.43 12.89 -9.67
N VAL A 89 -26.51 11.93 -8.73
CA VAL A 89 -25.54 10.86 -8.63
CA VAL A 89 -25.55 10.86 -8.64
C VAL A 89 -26.27 9.57 -8.23
N TYR A 90 -25.91 8.48 -8.91
CA TYR A 90 -26.45 7.16 -8.64
C TYR A 90 -25.31 6.18 -8.59
N LEU A 91 -25.38 5.29 -7.59
CA LEU A 91 -24.50 4.14 -7.55
C LEU A 91 -25.34 2.89 -7.69
N VAL A 92 -24.90 2.01 -8.58
CA VAL A 92 -25.53 0.71 -8.72
C VAL A 92 -24.61 -0.36 -8.14
N MET A 93 -25.11 -0.97 -7.07
CA MET A 93 -24.35 -1.95 -6.32
C MET A 93 -25.04 -3.31 -6.26
N GLU A 94 -24.21 -4.34 -6.07
CA GLU A 94 -24.69 -5.68 -5.76
C GLU A 94 -25.65 -5.57 -4.59
N TYR A 95 -26.78 -6.28 -4.71
CA TYR A 95 -27.78 -6.33 -3.68
C TYR A 95 -27.32 -7.28 -2.57
N CYS A 96 -27.35 -6.87 -1.32
CA CYS A 96 -26.89 -7.72 -0.23
C CYS A 96 -28.13 -8.25 0.51
N ASN A 97 -28.50 -9.49 0.25
CA ASN A 97 -29.84 -9.95 0.61
C ASN A 97 -29.96 -10.28 2.10
N GLY A 98 -28.91 -10.06 2.92
CA GLY A 98 -28.95 -10.31 4.36
C GLY A 98 -29.18 -9.05 5.20
N GLY A 99 -29.21 -7.88 4.58
CA GLY A 99 -29.28 -6.64 5.32
C GLY A 99 -27.92 -6.29 5.97
N ASP A 100 -27.94 -5.56 7.08
CA ASP A 100 -26.66 -5.16 7.67
C ASP A 100 -26.42 -5.83 9.02
N LEU A 101 -25.18 -5.71 9.50
CA LEU A 101 -24.73 -6.37 10.70
C LEU A 101 -25.44 -5.77 11.89
N ALA A 102 -25.81 -4.50 11.80
CA ALA A 102 -26.48 -3.88 12.94
C ALA A 102 -27.83 -4.58 13.22
N ASP A 103 -28.60 -4.88 12.16
CA ASP A 103 -29.90 -5.52 12.35
C ASP A 103 -29.72 -6.97 12.79
N TYR A 104 -28.70 -7.66 12.25
CA TYR A 104 -28.40 -9.02 12.64
C TYR A 104 -28.06 -9.06 14.11
N LEU A 105 -27.21 -8.12 14.53
CA LEU A 105 -26.74 -8.04 15.90
C LEU A 105 -27.90 -7.68 16.84
N HIS A 106 -28.74 -6.73 16.44
CA HIS A 106 -29.86 -6.36 17.28
C HIS A 106 -30.75 -7.59 17.52
N ALA A 107 -30.91 -8.46 16.52
CA ALA A 107 -31.71 -9.68 16.63
C ALA A 107 -31.01 -10.71 17.51
N MET A 108 -29.76 -11.06 17.20
CA MET A 108 -29.03 -12.14 17.86
C MET A 108 -28.55 -11.72 19.25
N ARG A 109 -28.39 -10.42 19.47
CA ARG A 109 -27.95 -9.87 20.76
C ARG A 109 -26.43 -9.96 20.87
N THR A 110 -25.89 -11.15 20.74
CA THR A 110 -24.45 -11.37 20.76
C THR A 110 -24.20 -12.52 19.81
N LEU A 111 -22.96 -12.66 19.36
CA LEU A 111 -22.60 -13.68 18.41
C LEU A 111 -21.57 -14.59 19.08
N SER A 112 -21.48 -15.81 18.57
CA SER A 112 -20.48 -16.74 19.06
C SER A 112 -19.11 -16.32 18.57
N GLU A 113 -18.06 -16.86 19.20
CA GLU A 113 -16.70 -16.58 18.77
C GLU A 113 -16.48 -17.13 17.36
N ASP A 114 -17.13 -18.25 17.03
CA ASP A 114 -16.96 -18.85 15.71
C ASP A 114 -17.53 -17.93 14.60
N THR A 115 -18.69 -17.33 14.86
CA THR A 115 -19.29 -16.39 13.93
C THR A 115 -18.43 -15.12 13.82
N ILE A 116 -18.01 -14.59 14.97
CA ILE A 116 -17.13 -13.44 15.01
C ILE A 116 -15.90 -13.69 14.15
N ARG A 117 -15.30 -14.88 14.31
CA ARG A 117 -14.13 -15.23 13.57
C ARG A 117 -14.40 -15.22 12.06
N LEU A 118 -15.51 -15.83 11.64
CA LEU A 118 -15.81 -15.90 10.24
C LEU A 118 -15.98 -14.50 9.66
N PHE A 119 -16.73 -13.64 10.35
CA PHE A 119 -16.95 -12.27 9.93
C PHE A 119 -15.65 -11.49 9.92
N LEU A 120 -14.85 -11.66 10.96
CA LEU A 120 -13.63 -10.88 11.07
C LEU A 120 -12.61 -11.31 10.04
N GLN A 121 -12.55 -12.60 9.72
CA GLN A 121 -11.63 -13.05 8.68
C GLN A 121 -11.95 -12.31 7.37
N GLN A 122 -13.23 -12.12 7.11
CA GLN A 122 -13.69 -11.53 5.85
CA GLN A 122 -13.69 -11.54 5.86
C GLN A 122 -13.39 -10.04 5.86
N ILE A 123 -13.72 -9.37 6.96
CA ILE A 123 -13.38 -7.97 7.13
C ILE A 123 -11.87 -7.79 7.00
N ALA A 124 -11.08 -8.69 7.56
CA ALA A 124 -9.62 -8.60 7.48
C ALA A 124 -9.16 -8.70 6.04
N GLY A 125 -9.83 -9.55 5.25
CA GLY A 125 -9.50 -9.69 3.83
C GLY A 125 -9.76 -8.38 3.07
N ALA A 126 -10.90 -7.77 3.33
CA ALA A 126 -11.21 -6.46 2.77
C ALA A 126 -10.18 -5.41 3.20
N MET A 127 -9.86 -5.35 4.49
CA MET A 127 -8.91 -4.39 5.04
C MET A 127 -7.52 -4.60 4.46
N ARG A 128 -7.14 -5.82 4.13
CA ARG A 128 -5.88 -6.03 3.47
C ARG A 128 -5.81 -5.28 2.12
N LEU A 129 -6.89 -5.35 1.34
CA LEU A 129 -6.97 -4.66 0.07
C LEU A 129 -6.94 -3.14 0.30
N LEU A 130 -7.75 -2.62 1.22
CA LEU A 130 -7.75 -1.20 1.49
CA LEU A 130 -7.74 -1.20 1.47
C LEU A 130 -6.33 -0.73 1.87
N HIS A 131 -5.70 -1.47 2.77
CA HIS A 131 -4.38 -1.09 3.26
C HIS A 131 -3.36 -1.17 2.12
N SER A 132 -3.41 -2.19 1.27
CA SER A 132 -2.49 -2.25 0.15
C SER A 132 -2.71 -1.06 -0.79
N LYS A 133 -3.94 -0.56 -0.94
CA LYS A 133 -4.23 0.53 -1.86
C LYS A 133 -4.02 1.91 -1.21
N GLY A 134 -3.82 1.94 0.10
CA GLY A 134 -3.56 3.15 0.85
C GLY A 134 -4.86 3.90 1.12
N ILE A 135 -5.97 3.15 1.24
CA ILE A 135 -7.28 3.72 1.51
C ILE A 135 -7.65 3.50 2.99
N ILE A 136 -8.16 4.54 3.64
CA ILE A 136 -8.80 4.38 4.94
C ILE A 136 -10.31 4.60 4.77
N HIS A 137 -11.12 3.80 5.46
CA HIS A 137 -12.57 3.84 5.31
C HIS A 137 -13.20 4.96 6.12
N ARG A 138 -12.87 5.01 7.42
CA ARG A 138 -13.24 6.07 8.35
C ARG A 138 -14.68 6.00 8.85
N ASP A 139 -15.50 5.04 8.40
CA ASP A 139 -16.82 4.93 9.01
C ASP A 139 -17.23 3.46 9.21
N LEU A 140 -16.31 2.67 9.72
CA LEU A 140 -16.60 1.25 9.91
C LEU A 140 -17.49 1.11 11.15
N LYS A 141 -18.62 0.44 10.98
CA LYS A 141 -19.57 0.22 12.05
C LYS A 141 -20.56 -0.81 11.52
N PRO A 142 -21.34 -1.51 12.38
CA PRO A 142 -22.19 -2.60 11.89
C PRO A 142 -23.21 -2.20 10.84
N GLN A 143 -23.65 -0.94 10.87
CA GLN A 143 -24.60 -0.41 9.90
C GLN A 143 -23.97 -0.38 8.50
N ASN A 144 -22.64 -0.43 8.40
CA ASN A 144 -21.95 -0.29 7.12
C ASN A 144 -21.30 -1.61 6.73
N ILE A 145 -21.66 -2.68 7.46
CA ILE A 145 -21.26 -4.03 7.10
CA ILE A 145 -21.26 -4.02 7.09
C ILE A 145 -22.51 -4.78 6.65
N LEU A 146 -22.51 -5.26 5.42
CA LEU A 146 -23.69 -5.91 4.87
C LEU A 146 -23.46 -7.42 4.80
N LEU A 147 -24.56 -8.16 4.82
CA LEU A 147 -24.57 -9.62 4.76
CA LEU A 147 -24.56 -9.62 4.75
C LEU A 147 -25.22 -10.07 3.44
N SER A 148 -24.61 -11.05 2.80
CA SER A 148 -25.08 -11.57 1.55
C SER A 148 -24.91 -13.08 1.57
N ASN A 149 -26.01 -13.76 1.22
CA ASN A 149 -26.00 -15.19 0.93
C ASN A 149 -25.96 -15.27 -0.59
N PRO A 150 -24.76 -15.40 -1.23
CA PRO A 150 -24.62 -15.25 -2.69
C PRO A 150 -25.66 -15.99 -3.55
N ASN A 158 -24.13 -20.57 -1.23
CA ASN A 158 -25.22 -20.24 -0.28
C ASN A 158 -24.67 -19.92 1.12
N SER A 159 -23.33 -19.87 1.27
CA SER A 159 -22.70 -19.53 2.53
C SER A 159 -22.39 -18.01 2.66
N ILE A 160 -22.46 -17.53 3.91
CA ILE A 160 -22.70 -16.14 4.24
C ILE A 160 -21.42 -15.31 4.06
N ARG A 161 -21.55 -14.15 3.42
CA ARG A 161 -20.45 -13.26 3.10
C ARG A 161 -20.74 -11.90 3.75
N VAL A 162 -19.73 -11.32 4.39
CA VAL A 162 -19.87 -9.94 4.83
CA VAL A 162 -19.71 -9.96 4.91
C VAL A 162 -19.16 -9.02 3.84
N LYS A 163 -19.74 -7.82 3.71
CA LYS A 163 -19.32 -6.87 2.70
C LYS A 163 -19.25 -5.49 3.33
N ILE A 164 -18.07 -4.90 3.30
CA ILE A 164 -17.90 -3.51 3.74
C ILE A 164 -18.56 -2.59 2.72
N ALA A 165 -19.33 -1.63 3.24
CA ALA A 165 -20.07 -0.69 2.44
C ALA A 165 -19.85 0.73 2.97
N ASP A 166 -20.40 1.69 2.20
CA ASP A 166 -20.52 3.09 2.62
C ASP A 166 -19.12 3.72 2.73
N PHE A 167 -18.51 3.91 1.54
CA PHE A 167 -17.19 4.49 1.39
C PHE A 167 -17.22 5.99 1.16
N GLY A 168 -18.31 6.66 1.56
CA GLY A 168 -18.43 8.08 1.33
C GLY A 168 -17.41 8.93 2.09
N PHE A 169 -16.92 8.45 3.23
CA PHE A 169 -15.90 9.17 3.98
C PHE A 169 -14.49 8.66 3.73
N ALA A 170 -14.36 7.62 2.91
CA ALA A 170 -13.04 7.04 2.72
C ALA A 170 -12.12 8.04 2.01
N ARG A 171 -10.81 7.89 2.21
CA ARG A 171 -9.86 8.59 1.38
C ARG A 171 -8.57 7.83 1.22
N TYR A 172 -7.81 8.25 0.21
CA TYR A 172 -6.43 7.83 0.07
C TYR A 172 -5.63 8.57 1.12
N LEU A 173 -4.73 7.88 1.79
CA LEU A 173 -3.80 8.51 2.69
C LEU A 173 -2.40 8.05 2.35
N GLN A 174 -1.55 8.93 1.85
CA GLN A 174 -0.19 8.55 1.57
C GLN A 174 0.51 8.06 2.87
N SER A 175 1.35 7.04 2.72
CA SER A 175 1.87 6.25 3.84
C SER A 175 2.77 7.10 4.76
N ASN A 176 3.28 8.25 4.33
CA ASN A 176 4.05 9.08 5.26
C ASN A 176 3.23 10.27 5.73
N MET A 177 1.90 10.26 5.54
CA MET A 177 1.08 11.41 5.87
CA MET A 177 1.07 11.42 5.86
C MET A 177 0.03 11.01 6.91
N MET A 178 -0.65 12.01 7.47
CA MET A 178 -1.72 11.77 8.42
CA MET A 178 -1.73 11.76 8.42
C MET A 178 -2.96 12.53 7.98
N ALA A 179 -4.11 11.98 8.33
CA ALA A 179 -5.38 12.58 8.02
C ALA A 179 -5.84 13.37 9.26
N ALA A 180 -6.72 14.35 9.08
CA ALA A 180 -7.19 15.09 10.23
C ALA A 180 -8.64 15.50 10.05
N TPO A 181 -9.34 15.02 9.01
CA TPO A 181 -10.72 15.39 8.88
CB TPO A 181 -11.29 15.02 7.53
CG2 TPO A 181 -12.74 15.42 7.31
OG1 TPO A 181 -10.47 15.75 6.56
P TPO A 181 -9.64 14.94 5.43
O1P TPO A 181 -10.73 14.40 4.54
O2P TPO A 181 -8.79 16.11 4.84
O3P TPO A 181 -8.84 13.94 6.17
C TPO A 181 -11.54 14.71 9.98
O TPO A 181 -11.45 13.50 10.18
H TPO A 181 -8.95 14.46 8.39
HA TPO A 181 -10.80 16.37 8.99
HB TPO A 181 -11.19 14.05 7.39
HG21 TPO A 181 -13.05 15.93 8.08
HG22 TPO A 181 -13.28 14.63 7.19
HG23 TPO A 181 -12.81 15.98 6.51
N LEU A 182 -12.37 15.51 10.69
CA LEU A 182 -13.28 14.95 11.66
C LEU A 182 -14.47 14.36 10.92
N CYS A 183 -14.55 13.03 10.89
CA CYS A 183 -15.67 12.36 10.25
C CYS A 183 -15.78 10.95 10.84
N GLY A 184 -16.91 10.28 10.61
CA GLY A 184 -17.15 8.97 11.21
C GLY A 184 -18.32 9.05 12.20
N SER A 185 -18.48 8.01 12.99
CA SER A 185 -19.55 7.90 13.97
C SER A 185 -18.90 7.78 15.33
N PRO A 186 -19.15 8.75 16.24
CA PRO A 186 -18.46 8.84 17.53
C PRO A 186 -18.29 7.56 18.33
N MET A 187 -19.30 6.70 18.32
CA MET A 187 -19.21 5.46 19.08
C MET A 187 -18.10 4.55 18.55
N TYR A 188 -17.71 4.71 17.28
CA TYR A 188 -16.71 3.84 16.66
C TYR A 188 -15.40 4.56 16.35
N MET A 189 -15.33 5.85 16.66
CA MET A 189 -14.18 6.67 16.30
C MET A 189 -13.02 6.34 17.21
N ALA A 190 -11.82 6.18 16.66
CA ALA A 190 -10.65 6.09 17.49
C ALA A 190 -10.50 7.34 18.36
N PRO A 191 -9.95 7.22 19.57
CA PRO A 191 -9.70 8.39 20.41
C PRO A 191 -8.98 9.52 19.67
N GLU A 192 -7.94 9.23 18.88
CA GLU A 192 -7.26 10.30 18.16
C GLU A 192 -8.23 11.02 17.23
N VAL A 193 -9.23 10.34 16.66
CA VAL A 193 -10.15 10.99 15.74
C VAL A 193 -11.06 11.94 16.51
N ILE A 194 -11.74 11.42 17.53
CA ILE A 194 -12.72 12.23 18.23
C ILE A 194 -12.03 13.35 19.03
N MET A 195 -10.76 13.19 19.39
CA MET A 195 -10.03 14.26 20.05
C MET A 195 -9.41 15.23 19.04
N SER A 196 -9.85 15.21 17.78
CA SER A 196 -9.40 16.10 16.73
C SER A 196 -7.88 16.05 16.55
N GLN A 197 -7.24 14.91 16.73
CA GLN A 197 -5.83 14.82 16.42
C GLN A 197 -5.65 14.25 15.02
N HIS A 198 -4.40 14.23 14.56
CA HIS A 198 -4.03 13.58 13.32
C HIS A 198 -4.16 12.06 13.51
N TYR A 199 -4.51 11.34 12.44
CA TYR A 199 -4.67 9.91 12.51
C TYR A 199 -4.25 9.27 11.19
N ASP A 200 -4.18 7.95 11.22
CA ASP A 200 -3.80 7.16 10.06
C ASP A 200 -4.70 5.94 9.98
N GLY A 201 -4.21 4.88 9.30
CA GLY A 201 -5.00 3.72 9.03
C GLY A 201 -5.34 2.93 10.29
N LYS A 202 -4.64 3.19 11.39
CA LYS A 202 -4.90 2.46 12.62
C LYS A 202 -6.20 2.93 13.27
N ALA A 203 -6.75 4.09 12.86
CA ALA A 203 -8.02 4.51 13.41
C ALA A 203 -9.12 3.51 13.00
N ASP A 204 -9.04 2.94 11.80
CA ASP A 204 -10.03 1.94 11.35
C ASP A 204 -9.91 0.67 12.22
N LEU A 205 -8.69 0.35 12.70
CA LEU A 205 -8.51 -0.85 13.49
C LEU A 205 -9.19 -0.70 14.86
N TRP A 206 -9.25 0.53 15.40
CA TRP A 206 -10.03 0.77 16.61
C TRP A 206 -11.51 0.53 16.34
N SER A 207 -12.03 1.03 15.22
CA SER A 207 -13.43 0.83 14.87
C SER A 207 -13.75 -0.66 14.79
N ILE A 208 -12.85 -1.42 14.18
CA ILE A 208 -13.01 -2.86 14.04
C ILE A 208 -13.01 -3.52 15.41
N GLY A 209 -12.09 -3.10 16.30
CA GLY A 209 -12.06 -3.58 17.67
C GLY A 209 -13.39 -3.36 18.35
N THR A 210 -13.97 -2.17 18.13
CA THR A 210 -15.23 -1.84 18.74
CA THR A 210 -15.24 -1.81 18.71
C THR A 210 -16.33 -2.73 18.16
N ILE A 211 -16.34 -2.95 16.84
CA ILE A 211 -17.35 -3.82 16.27
C ILE A 211 -17.26 -5.23 16.88
N VAL A 212 -16.04 -5.76 16.99
CA VAL A 212 -15.83 -7.12 17.43
C VAL A 212 -16.29 -7.23 18.90
N TYR A 213 -15.95 -6.23 19.70
CA TYR A 213 -16.33 -6.14 21.11
C TYR A 213 -17.85 -6.14 21.23
N GLN A 214 -18.51 -5.29 20.43
CA GLN A 214 -19.95 -5.18 20.39
C GLN A 214 -20.59 -6.51 19.98
N CYS A 215 -20.01 -7.22 19.00
CA CYS A 215 -20.52 -8.53 18.62
C CYS A 215 -20.39 -9.50 19.80
N LEU A 216 -19.26 -9.46 20.52
CA LEU A 216 -19.01 -10.40 21.60
C LEU A 216 -19.97 -10.14 22.76
N THR A 217 -20.22 -8.86 23.08
CA THR A 217 -20.84 -8.50 24.33
C THR A 217 -22.20 -7.85 24.16
N GLY A 218 -22.52 -7.32 22.97
CA GLY A 218 -23.76 -6.60 22.80
C GLY A 218 -23.67 -5.16 23.27
N LYS A 219 -22.48 -4.67 23.65
CA LYS A 219 -22.37 -3.26 23.98
C LYS A 219 -21.04 -2.69 23.49
N ALA A 220 -20.97 -1.37 23.48
CA ALA A 220 -19.74 -0.64 23.18
C ALA A 220 -18.79 -0.83 24.34
N PRO A 221 -17.47 -0.88 24.11
CA PRO A 221 -16.52 -1.02 25.20
C PRO A 221 -16.44 0.20 26.11
N PHE A 222 -16.77 1.39 25.60
CA PHE A 222 -16.64 2.62 26.35
C PHE A 222 -17.90 3.44 26.13
N GLN A 223 -18.85 3.30 27.06
CA GLN A 223 -20.15 3.94 26.94
C GLN A 223 -20.12 5.31 27.59
N ALA A 224 -20.90 6.20 27.00
CA ALA A 224 -21.01 7.57 27.44
C ALA A 224 -22.33 8.12 26.91
N SER A 225 -22.78 9.22 27.53
CA SER A 225 -24.08 9.81 27.28
C SER A 225 -24.14 10.42 25.89
N SER A 226 -23.00 10.95 25.44
CA SER A 226 -22.94 11.75 24.24
C SER A 226 -21.55 11.65 23.63
N PRO A 227 -21.39 12.03 22.34
CA PRO A 227 -20.06 12.21 21.74
C PRO A 227 -19.12 13.05 22.59
N GLN A 228 -19.63 14.14 23.18
CA GLN A 228 -18.78 15.05 23.93
C GLN A 228 -18.33 14.36 25.22
N ASP A 229 -19.22 13.58 25.84
CA ASP A 229 -18.85 12.88 27.06
C ASP A 229 -17.83 11.78 26.73
N LEU A 230 -18.03 11.12 25.58
CA LEU A 230 -17.10 10.10 25.15
C LEU A 230 -15.72 10.73 24.94
N ARG A 231 -15.70 11.90 24.32
CA ARG A 231 -14.45 12.60 24.09
C ARG A 231 -13.76 12.92 25.42
N LEU A 232 -14.53 13.49 26.36
CA LEU A 232 -13.99 13.85 27.66
C LEU A 232 -13.47 12.60 28.36
N PHE A 233 -14.22 11.49 28.27
CA PHE A 233 -13.73 10.25 28.84
C PHE A 233 -12.35 9.90 28.29
N TYR A 234 -12.18 9.93 26.95
CA TYR A 234 -10.91 9.51 26.36
C TYR A 234 -9.80 10.48 26.75
N GLU A 235 -10.13 11.78 26.76
CA GLU A 235 -9.19 12.81 27.19
C GLU A 235 -8.69 12.55 28.60
N LYS A 236 -9.58 12.24 29.55
CA LYS A 236 -9.17 12.15 30.95
C LYS A 236 -8.47 10.82 31.23
N ASN A 237 -8.81 9.78 30.45
CA ASN A 237 -8.29 8.45 30.70
C ASN A 237 -7.15 8.15 29.76
N LYS A 238 -5.95 8.06 30.31
CA LYS A 238 -4.70 7.93 29.58
C LYS A 238 -4.45 6.49 29.18
N THR A 239 -4.97 5.53 29.93
CA THR A 239 -5.11 4.16 29.47
C THR A 239 -6.59 3.83 29.42
N LEU A 240 -6.98 2.99 28.47
CA LEU A 240 -8.31 2.44 28.42
C LEU A 240 -8.14 0.93 28.48
N VAL A 241 -8.93 0.30 29.34
CA VAL A 241 -8.99 -1.15 29.41
C VAL A 241 -10.46 -1.52 29.28
N PRO A 242 -10.87 -2.14 28.16
CA PRO A 242 -12.26 -2.56 28.04
C PRO A 242 -12.43 -3.79 28.95
N THR A 243 -13.65 -4.01 29.44
CA THR A 243 -13.97 -5.17 30.25
C THR A 243 -14.27 -6.35 29.32
N ILE A 244 -13.38 -7.32 29.28
CA ILE A 244 -13.55 -8.50 28.47
C ILE A 244 -14.08 -9.64 29.35
N PRO A 245 -15.28 -10.23 29.06
CA PRO A 245 -15.80 -11.33 29.85
C PRO A 245 -14.80 -12.45 30.06
N ARG A 246 -14.87 -13.04 31.26
CA ARG A 246 -13.93 -14.04 31.71
C ARG A 246 -13.92 -15.24 30.77
N GLU A 247 -15.07 -15.61 30.19
CA GLU A 247 -15.13 -16.80 29.36
C GLU A 247 -14.58 -16.57 27.93
N THR A 248 -14.18 -15.35 27.56
CA THR A 248 -13.59 -15.09 26.25
C THR A 248 -12.34 -15.91 26.03
N SER A 249 -12.15 -16.49 24.84
CA SER A 249 -10.93 -17.20 24.53
C SER A 249 -9.74 -16.25 24.64
N ALA A 250 -8.58 -16.86 24.83
CA ALA A 250 -7.38 -16.08 25.09
C ALA A 250 -7.00 -15.31 23.81
N PRO A 251 -7.05 -15.92 22.61
CA PRO A 251 -6.71 -15.19 21.39
C PRO A 251 -7.62 -13.98 21.15
N LEU A 252 -8.93 -14.11 21.40
CA LEU A 252 -9.84 -13.02 21.18
C LEU A 252 -9.64 -11.90 22.19
N ARG A 253 -9.41 -12.27 23.46
CA ARG A 253 -9.05 -11.29 24.48
C ARG A 253 -7.83 -10.47 24.04
N GLN A 254 -6.81 -11.18 23.61
CA GLN A 254 -5.55 -10.56 23.21
C GLN A 254 -5.79 -9.61 22.02
N LEU A 255 -6.59 -10.06 21.05
CA LEU A 255 -6.88 -9.27 19.85
CA LEU A 255 -6.89 -9.28 19.84
C LEU A 255 -7.58 -7.99 20.24
N LEU A 256 -8.61 -8.10 21.09
CA LEU A 256 -9.40 -6.95 21.50
C LEU A 256 -8.55 -5.95 22.29
N LEU A 257 -7.69 -6.44 23.19
CA LEU A 257 -6.86 -5.54 23.98
C LEU A 257 -5.87 -4.80 23.07
N ALA A 258 -5.35 -5.47 22.04
CA ALA A 258 -4.39 -4.84 21.15
C ALA A 258 -5.09 -3.86 20.19
N LEU A 259 -6.34 -4.15 19.75
CA LEU A 259 -7.07 -3.25 18.89
C LEU A 259 -7.55 -2.04 19.68
N LEU A 260 -8.04 -2.26 20.92
CA LEU A 260 -8.66 -1.16 21.68
C LEU A 260 -7.62 -0.51 22.60
N GLN A 261 -6.49 -0.16 22.01
CA GLN A 261 -5.46 0.64 22.64
C GLN A 261 -5.73 2.11 22.31
N ARG A 262 -5.75 2.93 23.37
CA ARG A 262 -6.09 4.33 23.27
C ARG A 262 -5.15 5.07 22.31
N ASN A 263 -3.88 4.76 22.43
CA ASN A 263 -2.85 5.50 21.72
C ASN A 263 -2.48 4.71 20.47
N HIS A 264 -2.58 5.39 19.34
CA HIS A 264 -2.44 4.70 18.07
C HIS A 264 -1.05 4.11 17.91
N LYS A 265 -0.04 4.72 18.52
CA LYS A 265 1.30 4.14 18.39
C LYS A 265 1.41 2.80 19.10
N ASP A 266 0.60 2.56 20.15
CA ASP A 266 0.60 1.28 20.84
C ASP A 266 -0.38 0.28 20.19
N ARG A 267 -1.29 0.77 19.34
CA ARG A 267 -2.33 -0.07 18.77
C ARG A 267 -1.72 -1.05 17.77
N MET A 268 -2.30 -2.26 17.76
CA MET A 268 -2.05 -3.26 16.76
C MET A 268 -1.95 -2.60 15.38
N ASP A 269 -0.99 -3.05 14.59
CA ASP A 269 -0.86 -2.62 13.21
C ASP A 269 -1.45 -3.69 12.29
N PHE A 270 -1.48 -3.38 10.99
CA PHE A 270 -2.17 -4.22 10.05
C PHE A 270 -1.55 -5.62 9.94
N ASP A 271 -0.22 -5.70 9.93
CA ASP A 271 0.44 -6.97 9.74
C ASP A 271 0.09 -7.91 10.90
N GLU A 272 0.14 -7.39 12.13
CA GLU A 272 -0.26 -8.18 13.29
C GLU A 272 -1.74 -8.59 13.19
N PHE A 273 -2.59 -7.66 12.76
CA PHE A 273 -4.02 -7.94 12.68
C PHE A 273 -4.28 -9.07 11.71
N PHE A 274 -3.70 -8.99 10.50
CA PHE A 274 -3.98 -9.96 9.46
C PHE A 274 -3.53 -11.37 9.87
N HIS A 275 -2.48 -11.45 10.69
CA HIS A 275 -1.83 -12.71 10.99
C HIS A 275 -2.17 -13.11 12.42
N HIS A 276 -3.21 -12.49 13.02
CA HIS A 276 -3.48 -12.72 14.44
C HIS A 276 -3.99 -14.16 14.61
N PRO A 277 -3.50 -14.88 15.63
CA PRO A 277 -4.01 -16.23 15.93
C PRO A 277 -5.52 -16.40 15.98
N PHE A 278 -6.26 -15.39 16.47
CA PHE A 278 -7.70 -15.49 16.52
C PHE A 278 -8.26 -15.76 15.13
N LEU A 279 -7.57 -15.27 14.07
CA LEU A 279 -8.09 -15.42 12.73
C LEU A 279 -7.70 -16.75 12.09
N ASP A 280 -6.84 -17.57 12.74
CA ASP A 280 -6.42 -18.84 12.17
C ASP A 280 -7.60 -19.79 11.99
N ALA A 281 -7.57 -20.53 10.87
CA ALA A 281 -8.53 -21.58 10.55
C ALA A 281 -8.11 -22.90 11.23
N THR B 9 38.95 17.67 7.65
CA THR B 9 37.78 16.80 7.95
C THR B 9 36.54 17.68 8.21
N GLU B 10 35.39 17.24 7.70
CA GLU B 10 34.13 17.97 7.83
C GLU B 10 33.20 17.23 8.78
N THR B 11 32.26 17.97 9.37
CA THR B 11 31.33 17.38 10.32
C THR B 11 29.90 17.53 9.79
N VAL B 12 29.08 16.51 10.04
CA VAL B 12 27.65 16.54 9.74
C VAL B 12 26.95 15.91 10.93
N GLY B 13 26.35 16.71 11.81
CA GLY B 13 25.77 16.16 13.02
C GLY B 13 26.82 15.44 13.84
N LYS B 14 26.51 14.21 14.23
CA LYS B 14 27.37 13.39 15.06
C LYS B 14 28.36 12.60 14.21
N PHE B 15 28.63 13.03 12.98
CA PHE B 15 29.40 12.25 12.04
C PHE B 15 30.43 13.16 11.40
N GLU B 16 31.44 12.55 10.77
CA GLU B 16 32.48 13.34 10.17
C GLU B 16 33.14 12.52 9.06
N PHE B 17 33.81 13.22 8.16
CA PHE B 17 34.49 12.61 7.05
C PHE B 17 35.50 13.61 6.50
N SER B 18 36.46 13.12 5.71
CA SER B 18 37.26 14.05 4.92
C SER B 18 37.19 13.65 3.44
N ARG B 19 37.36 14.67 2.58
CA ARG B 19 37.25 14.52 1.13
C ARG B 19 38.44 13.74 0.58
N LYS B 20 39.43 13.48 1.44
CA LYS B 20 40.48 12.50 1.13
C LYS B 20 39.85 11.14 0.88
N ASP B 21 38.82 10.77 1.65
CA ASP B 21 38.29 9.42 1.65
C ASP B 21 37.15 9.28 0.65
N LEU B 22 37.43 9.51 -0.64
CA LEU B 22 36.46 9.42 -1.72
C LEU B 22 36.08 7.96 -1.97
N ILE B 23 34.78 7.66 -1.99
CA ILE B 23 34.30 6.34 -2.36
C ILE B 23 34.02 6.35 -3.85
N GLY B 24 33.38 7.41 -4.33
CA GLY B 24 33.08 7.52 -5.76
C GLY B 24 32.26 8.77 -6.05
N HIS B 25 32.15 9.06 -7.36
CA HIS B 25 31.30 10.14 -7.80
C HIS B 25 30.53 9.69 -9.04
N GLY B 26 29.33 10.22 -9.20
CA GLY B 26 28.66 10.27 -10.48
C GLY B 26 28.23 11.71 -10.73
N ALA B 27 27.45 11.91 -11.80
CA ALA B 27 27.02 13.22 -12.21
C ALA B 27 26.28 13.94 -11.09
N PHE B 28 25.61 13.20 -10.19
CA PHE B 28 24.66 13.87 -9.31
C PHE B 28 24.98 13.66 -7.84
N ALA B 29 26.10 12.98 -7.54
CA ALA B 29 26.46 12.77 -6.14
C ALA B 29 27.95 12.44 -6.05
N VAL B 30 28.56 12.87 -4.94
CA VAL B 30 29.89 12.44 -4.55
C VAL B 30 29.74 11.78 -3.20
N VAL B 31 30.35 10.62 -3.02
CA VAL B 31 30.24 9.87 -1.79
C VAL B 31 31.63 9.74 -1.14
N PHE B 32 31.69 9.94 0.18
CA PHE B 32 32.93 9.81 0.94
C PHE B 32 32.69 8.85 2.10
N LYS B 33 33.75 8.16 2.54
CA LYS B 33 33.66 7.36 3.74
C LYS B 33 33.87 8.25 4.96
N GLY B 34 33.31 7.87 6.12
CA GLY B 34 33.36 8.71 7.30
C GLY B 34 33.04 7.87 8.52
N ARG B 35 32.74 8.51 9.65
CA ARG B 35 32.52 7.74 10.84
C ARG B 35 31.73 8.57 11.81
N HIS B 36 31.21 7.92 12.84
CA HIS B 36 30.60 8.60 13.95
C HIS B 36 31.72 9.25 14.79
N ARG B 37 31.42 10.41 15.40
CA ARG B 37 32.43 11.23 16.03
C ARG B 37 32.74 10.72 17.43
N GLU B 38 31.75 10.11 18.10
CA GLU B 38 31.92 9.42 19.37
C GLU B 38 32.46 8.01 19.13
N LYS B 39 31.70 7.21 18.34
CA LYS B 39 32.02 5.81 18.06
C LYS B 39 32.76 5.68 16.73
N HIS B 40 34.08 5.80 16.80
CA HIS B 40 34.93 5.93 15.63
C HIS B 40 34.87 4.68 14.75
N ASP B 41 34.50 3.54 15.33
CA ASP B 41 34.45 2.29 14.56
C ASP B 41 33.13 2.17 13.78
N LEU B 42 32.14 3.05 14.01
CA LEU B 42 30.94 3.07 13.17
C LEU B 42 31.22 3.81 11.87
N GLU B 43 31.42 3.05 10.78
CA GLU B 43 31.67 3.62 9.47
C GLU B 43 30.36 4.10 8.83
N VAL B 44 30.45 5.10 7.94
CA VAL B 44 29.29 5.63 7.24
C VAL B 44 29.79 6.06 5.88
N ALA B 45 28.83 6.23 4.98
CA ALA B 45 29.06 6.88 3.71
C ALA B 45 28.32 8.22 3.73
N VAL B 46 28.97 9.28 3.27
CA VAL B 46 28.42 10.61 3.31
C VAL B 46 28.26 11.05 1.87
N LYS B 47 27.00 11.30 1.48
CA LYS B 47 26.70 11.66 0.10
C LYS B 47 26.50 13.16 0.05
N CYS B 48 27.06 13.80 -0.98
CA CYS B 48 27.11 15.25 -1.09
C CYS B 48 26.80 15.66 -2.54
N ILE B 49 26.53 16.94 -2.73
CA ILE B 49 26.27 17.50 -4.03
C ILE B 49 27.49 17.34 -4.93
N ASN B 50 27.24 17.06 -6.21
CA ASN B 50 28.27 17.20 -7.23
C ASN B 50 28.11 18.56 -7.90
N LYS B 51 29.04 19.47 -7.62
CA LYS B 51 28.90 20.88 -7.98
C LYS B 51 28.95 21.07 -9.50
N LYS B 52 29.44 20.07 -10.24
CA LYS B 52 29.39 20.13 -11.70
C LYS B 52 27.94 20.11 -12.23
N ASN B 53 26.99 19.55 -11.46
CA ASN B 53 25.58 19.55 -11.85
C ASN B 53 24.76 19.98 -10.66
N LEU B 54 25.08 21.18 -10.17
CA LEU B 54 24.70 21.62 -8.84
C LEU B 54 23.18 21.50 -8.64
N ALA B 55 22.40 22.08 -9.56
CA ALA B 55 20.97 22.23 -9.34
C ALA B 55 20.28 20.87 -9.32
N LYS B 56 20.56 20.06 -10.35
CA LYS B 56 19.99 18.73 -10.41
C LYS B 56 20.45 17.88 -9.23
N SER B 57 21.75 17.93 -8.90
CA SER B 57 22.32 17.17 -7.80
C SER B 57 21.60 17.51 -6.49
N GLN B 58 21.43 18.81 -6.24
CA GLN B 58 20.78 19.25 -5.02
C GLN B 58 19.34 18.73 -4.97
N THR B 59 18.64 18.78 -6.11
CA THR B 59 17.26 18.34 -6.17
C THR B 59 17.17 16.85 -5.85
N LEU B 60 18.02 16.04 -6.47
CA LEU B 60 17.96 14.59 -6.32
C LEU B 60 18.30 14.16 -4.91
N LEU B 61 19.28 14.83 -4.28
CA LEU B 61 19.65 14.47 -2.92
CA LEU B 61 19.64 14.45 -2.92
C LEU B 61 18.51 14.82 -1.99
N GLY B 62 17.89 15.98 -2.21
CA GLY B 62 16.74 16.36 -1.39
C GLY B 62 15.57 15.38 -1.55
N LYS B 63 15.34 14.90 -2.78
CA LYS B 63 14.29 13.93 -3.04
C LYS B 63 14.62 12.62 -2.36
N GLU B 64 15.91 12.27 -2.38
CA GLU B 64 16.31 11.01 -1.77
C GLU B 64 16.10 11.04 -0.26
N ILE B 65 16.42 12.16 0.41
CA ILE B 65 16.17 12.25 1.85
C ILE B 65 14.69 12.01 2.16
N LYS B 66 13.83 12.70 1.42
CA LYS B 66 12.38 12.65 1.63
C LYS B 66 11.86 11.21 1.60
N ILE B 67 12.37 10.40 0.68
CA ILE B 67 11.95 9.00 0.63
C ILE B 67 12.67 8.14 1.69
N LEU B 68 14.01 8.21 1.73
CA LEU B 68 14.79 7.27 2.51
C LEU B 68 14.51 7.41 4.00
N LYS B 69 14.21 8.61 4.47
CA LYS B 69 13.92 8.77 5.88
C LYS B 69 12.62 8.07 6.25
N GLU B 70 11.81 7.62 5.26
CA GLU B 70 10.61 6.89 5.59
C GLU B 70 10.81 5.36 5.56
N LEU B 71 11.99 4.88 5.16
CA LEU B 71 12.22 3.46 4.90
C LEU B 71 13.25 2.90 5.88
N LYS B 72 12.85 1.91 6.68
CA LYS B 72 13.79 1.21 7.55
C LYS B 72 13.70 -0.28 7.22
N HIS B 73 14.69 -0.79 6.51
CA HIS B 73 14.65 -2.18 6.09
C HIS B 73 16.09 -2.64 5.92
N GLU B 74 16.36 -3.89 6.30
CA GLU B 74 17.72 -4.41 6.22
C GLU B 74 18.20 -4.41 4.77
N ASN B 75 17.30 -4.45 3.77
CA ASN B 75 17.79 -4.45 2.39
C ASN B 75 17.58 -3.13 1.66
N ILE B 76 17.38 -2.07 2.43
CA ILE B 76 17.44 -0.71 1.88
C ILE B 76 18.51 0.05 2.65
N VAL B 77 19.42 0.73 1.93
CA VAL B 77 20.50 1.46 2.56
CA VAL B 77 20.50 1.45 2.57
C VAL B 77 19.91 2.38 3.63
N ALA B 78 20.45 2.31 4.84
CA ALA B 78 19.90 3.05 5.97
C ALA B 78 20.41 4.49 5.92
N LEU B 79 19.50 5.45 6.19
CA LEU B 79 19.86 6.86 6.31
C LEU B 79 19.98 7.15 7.80
N TYR B 80 21.22 7.29 8.28
CA TYR B 80 21.40 7.53 9.70
C TYR B 80 21.06 8.97 10.05
N ASP B 81 21.41 9.89 9.16
CA ASP B 81 21.10 11.30 9.36
C ASP B 81 21.29 11.99 8.03
N PHE B 82 20.94 13.26 8.00
CA PHE B 82 21.06 14.05 6.81
C PHE B 82 21.14 15.50 7.26
N GLN B 83 21.57 16.37 6.36
CA GLN B 83 21.57 17.80 6.61
C GLN B 83 21.22 18.53 5.33
N GLU B 84 20.08 19.22 5.35
CA GLU B 84 19.65 19.99 4.21
C GLU B 84 19.66 21.47 4.55
N MET B 85 20.24 22.25 3.64
CA MET B 85 20.29 23.69 3.75
C MET B 85 19.98 24.27 2.38
N ALA B 86 19.94 25.60 2.30
CA ALA B 86 19.56 26.22 1.04
C ALA B 86 20.55 25.84 -0.05
N ASN B 87 21.85 25.74 0.27
CA ASN B 87 22.85 25.55 -0.79
C ASN B 87 23.66 24.28 -0.60
N SER B 88 23.27 23.40 0.33
CA SER B 88 24.05 22.20 0.53
C SER B 88 23.14 21.11 1.06
N VAL B 89 23.49 19.87 0.71
CA VAL B 89 22.77 18.70 1.16
C VAL B 89 23.75 17.56 1.39
N TYR B 90 23.58 16.89 2.53
CA TYR B 90 24.40 15.76 2.92
C TYR B 90 23.48 14.65 3.39
N LEU B 91 23.76 13.43 2.93
CA LEU B 91 23.13 12.25 3.52
C LEU B 91 24.20 11.40 4.19
N VAL B 92 23.89 10.96 5.40
CA VAL B 92 24.75 10.03 6.11
C VAL B 92 24.09 8.67 6.17
N MET B 93 24.76 7.73 5.52
CA MET B 93 24.23 6.40 5.30
C MET B 93 25.15 5.32 5.83
N GLU B 94 24.56 4.17 6.10
CA GLU B 94 25.29 2.96 6.43
C GLU B 94 26.30 2.73 5.31
N TYR B 95 27.53 2.38 5.73
CA TYR B 95 28.61 2.06 4.82
C TYR B 95 28.39 0.64 4.27
N CYS B 96 28.52 0.48 2.96
CA CYS B 96 28.37 -0.81 2.31
C CYS B 96 29.75 -1.22 1.77
N ASN B 97 30.38 -2.16 2.49
CA ASN B 97 31.79 -2.43 2.25
C ASN B 97 32.01 -3.29 1.01
N GLY B 98 30.93 -3.70 0.30
CA GLY B 98 31.06 -4.60 -0.85
C GLY B 98 31.05 -3.88 -2.19
N GLY B 99 30.81 -2.56 -2.19
CA GLY B 99 30.59 -1.87 -3.45
C GLY B 99 29.21 -2.19 -4.03
N ASP B 100 29.07 -2.10 -5.36
CA ASP B 100 27.75 -2.29 -5.95
C ASP B 100 27.73 -3.56 -6.80
N LEU B 101 26.50 -3.94 -7.20
CA LEU B 101 26.29 -5.17 -7.91
C LEU B 101 26.91 -5.08 -9.31
N ALA B 102 27.01 -3.88 -9.86
CA ALA B 102 27.59 -3.76 -11.19
C ALA B 102 29.07 -4.20 -11.17
N ASP B 103 29.82 -3.81 -10.12
CA ASP B 103 31.23 -4.18 -10.00
C ASP B 103 31.33 -5.67 -9.68
N TYR B 104 30.45 -6.20 -8.83
CA TYR B 104 30.45 -7.62 -8.55
C TYR B 104 30.21 -8.42 -9.82
N LEU B 105 29.25 -7.97 -10.65
CA LEU B 105 28.94 -8.66 -11.90
C LEU B 105 30.11 -8.52 -12.87
N HIS B 106 30.71 -7.35 -12.96
CA HIS B 106 31.86 -7.19 -13.85
C HIS B 106 32.94 -8.21 -13.50
N ALA B 107 33.14 -8.47 -12.19
CA ALA B 107 34.14 -9.41 -11.71
C ALA B 107 33.72 -10.85 -12.00
N MET B 108 32.53 -11.25 -11.55
CA MET B 108 32.06 -12.63 -11.61
C MET B 108 31.63 -13.00 -13.02
N ARG B 109 31.28 -12.03 -13.87
CA ARG B 109 30.81 -12.25 -15.23
C ARG B 109 29.33 -12.64 -15.22
N THR B 110 29.01 -13.75 -14.55
CA THR B 110 27.64 -14.22 -14.42
C THR B 110 27.57 -14.87 -13.07
N LEU B 111 26.35 -15.09 -12.59
CA LEU B 111 26.15 -15.59 -11.25
C LEU B 111 25.36 -16.87 -11.39
N SER B 112 25.48 -17.75 -10.40
CA SER B 112 24.72 -18.98 -10.37
C SER B 112 23.28 -18.65 -10.02
N GLU B 113 22.38 -19.61 -10.28
CA GLU B 113 20.99 -19.46 -9.91
C GLU B 113 20.87 -19.31 -8.39
N ASP B 114 21.75 -19.99 -7.64
CA ASP B 114 21.67 -19.98 -6.18
C ASP B 114 21.98 -18.58 -5.63
N THR B 115 22.99 -17.94 -6.19
CA THR B 115 23.36 -16.58 -5.84
C THR B 115 22.25 -15.62 -6.25
N ILE B 116 21.74 -15.76 -7.48
CA ILE B 116 20.66 -14.91 -7.97
C ILE B 116 19.48 -15.02 -7.02
N ARG B 117 19.13 -16.23 -6.60
CA ARG B 117 18.05 -16.43 -5.66
C ARG B 117 18.31 -15.69 -4.33
N LEU B 118 19.53 -15.79 -3.78
CA LEU B 118 19.80 -15.17 -2.50
C LEU B 118 19.64 -13.65 -2.62
N PHE B 119 20.21 -13.08 -3.68
CA PHE B 119 20.13 -11.64 -3.92
C PHE B 119 18.68 -11.23 -4.18
N LEU B 120 17.97 -12.00 -5.00
CA LEU B 120 16.62 -11.64 -5.37
C LEU B 120 15.67 -11.75 -4.19
N GLN B 121 15.89 -12.69 -3.29
CA GLN B 121 15.03 -12.77 -2.11
C GLN B 121 15.09 -11.46 -1.32
N GLN B 122 16.28 -10.87 -1.28
CA GLN B 122 16.53 -9.69 -0.50
C GLN B 122 15.93 -8.48 -1.19
N ILE B 123 16.18 -8.37 -2.49
CA ILE B 123 15.56 -7.35 -3.31
C ILE B 123 14.03 -7.41 -3.16
N ALA B 124 13.48 -8.62 -3.16
CA ALA B 124 12.04 -8.79 -3.08
C ALA B 124 11.53 -8.30 -1.72
N GLY B 125 12.33 -8.51 -0.67
CA GLY B 125 11.96 -8.06 0.66
C GLY B 125 11.87 -6.53 0.70
N ALA B 126 12.86 -5.86 0.10
CA ALA B 126 12.86 -4.42 -0.01
C ALA B 126 11.65 -3.94 -0.81
N MET B 127 11.37 -4.58 -1.95
CA MET B 127 10.28 -4.19 -2.84
C MET B 127 8.95 -4.38 -2.16
N ARG B 128 8.84 -5.36 -1.27
CA ARG B 128 7.62 -5.50 -0.51
C ARG B 128 7.32 -4.26 0.35
N LEU B 129 8.36 -3.71 0.97
CA LEU B 129 8.19 -2.50 1.76
C LEU B 129 7.86 -1.31 0.85
N LEU B 130 8.61 -1.12 -0.24
CA LEU B 130 8.31 -0.03 -1.16
CA LEU B 130 8.31 -0.02 -1.14
C LEU B 130 6.85 -0.12 -1.62
N HIS B 131 6.44 -1.32 -2.02
CA HIS B 131 5.09 -1.49 -2.54
C HIS B 131 4.06 -1.20 -1.46
N SER B 132 4.29 -1.66 -0.23
CA SER B 132 3.34 -1.37 0.83
C SER B 132 3.29 0.14 1.14
N LYS B 133 4.36 0.90 0.94
CA LYS B 133 4.38 2.31 1.20
C LYS B 133 3.91 3.15 0.00
N GLY B 134 3.74 2.51 -1.14
CA GLY B 134 3.28 3.16 -2.35
C GLY B 134 4.40 3.96 -2.99
N ILE B 135 5.63 3.46 -2.87
CA ILE B 135 6.80 4.13 -3.43
C ILE B 135 7.28 3.34 -4.65
N ILE B 136 7.60 4.04 -5.73
CA ILE B 136 8.29 3.41 -6.86
C ILE B 136 9.70 4.01 -6.93
N HIS B 137 10.69 3.16 -7.25
CA HIS B 137 12.10 3.54 -7.20
C HIS B 137 12.50 4.27 -8.48
N ARG B 138 12.24 3.61 -9.61
CA ARG B 138 12.41 4.12 -10.97
C ARG B 138 13.85 4.15 -11.47
N ASP B 139 14.83 3.74 -10.66
CA ASP B 139 16.18 3.62 -11.23
C ASP B 139 16.90 2.37 -10.73
N LEU B 140 16.18 1.26 -10.73
CA LEU B 140 16.75 0.00 -10.29
C LEU B 140 17.68 -0.51 -11.38
N LYS B 141 18.91 -0.80 -10.99
CA LYS B 141 19.95 -1.28 -11.87
C LYS B 141 21.12 -1.67 -10.99
N PRO B 142 22.08 -2.50 -11.45
CA PRO B 142 23.12 -3.04 -10.57
C PRO B 142 23.98 -1.99 -9.88
N GLN B 143 24.15 -0.82 -10.52
CA GLN B 143 24.90 0.28 -9.95
C GLN B 143 24.22 0.85 -8.70
N ASN B 144 22.93 0.54 -8.49
CA ASN B 144 22.15 1.15 -7.41
C ASN B 144 21.76 0.09 -6.40
N ILE B 145 22.39 -1.08 -6.56
CA ILE B 145 22.26 -2.15 -5.58
C ILE B 145 23.63 -2.29 -4.92
N LEU B 146 23.69 -2.15 -3.60
CA LEU B 146 24.94 -2.19 -2.86
C LEU B 146 25.05 -3.52 -2.12
N LEU B 147 26.31 -3.90 -1.87
CA LEU B 147 26.65 -5.17 -1.22
C LEU B 147 27.39 -4.85 0.07
N SER B 148 27.04 -5.63 1.10
CA SER B 148 27.63 -5.54 2.41
C SER B 148 27.96 -6.96 2.88
N ASN B 149 29.19 -7.16 3.37
CA ASN B 149 29.71 -8.47 3.81
C ASN B 149 29.79 -8.53 5.33
N ALA B 155 33.25 -14.25 3.82
CA ALA B 155 32.78 -13.42 2.68
C ALA B 155 32.57 -14.31 1.43
N ASN B 156 31.57 -15.20 1.50
CA ASN B 156 31.06 -15.92 0.35
C ASN B 156 29.60 -15.51 0.12
N PRO B 157 28.98 -15.79 -1.06
CA PRO B 157 27.69 -15.20 -1.43
C PRO B 157 26.48 -15.58 -0.57
N ASN B 158 26.65 -16.53 0.36
CA ASN B 158 25.57 -16.89 1.28
C ASN B 158 25.41 -15.85 2.39
N SER B 159 26.41 -14.99 2.58
CA SER B 159 26.33 -14.00 3.64
C SER B 159 26.38 -12.58 3.07
N ILE B 160 26.53 -12.41 1.75
CA ILE B 160 26.42 -11.07 1.18
C ILE B 160 25.01 -10.50 1.41
N ARG B 161 24.92 -9.31 1.98
CA ARG B 161 23.64 -8.62 2.12
C ARG B 161 23.51 -7.57 1.02
N VAL B 162 22.34 -7.52 0.37
CA VAL B 162 22.14 -6.55 -0.70
CA VAL B 162 22.05 -6.62 -0.73
C VAL B 162 21.23 -5.44 -0.20
N LYS B 163 21.50 -4.23 -0.69
CA LYS B 163 20.83 -3.03 -0.23
C LYS B 163 20.50 -2.14 -1.42
N ILE B 164 19.19 -1.91 -1.63
CA ILE B 164 18.78 -0.94 -2.66
C ILE B 164 19.14 0.46 -2.20
N ALA B 165 19.70 1.22 -3.14
CA ALA B 165 20.16 2.56 -2.88
C ALA B 165 19.71 3.48 -4.01
N ASP B 166 20.06 4.77 -3.86
CA ASP B 166 19.96 5.78 -4.90
CA ASP B 166 19.94 5.76 -4.91
C ASP B 166 18.46 6.00 -5.24
N PHE B 167 17.75 6.59 -4.27
CA PHE B 167 16.32 6.86 -4.33
C PHE B 167 16.02 8.28 -4.85
N GLY B 168 16.95 8.87 -5.60
CA GLY B 168 16.77 10.23 -6.05
C GLY B 168 15.63 10.42 -7.06
N PHE B 169 15.27 9.38 -7.81
CA PHE B 169 14.16 9.44 -8.75
C PHE B 169 12.90 8.80 -8.19
N ALA B 170 12.96 8.32 -6.97
CA ALA B 170 11.82 7.64 -6.42
C ALA B 170 10.68 8.64 -6.19
N ARG B 171 9.43 8.14 -6.19
CA ARG B 171 8.30 8.95 -5.79
C ARG B 171 7.21 8.07 -5.21
N TYR B 172 6.32 8.73 -4.48
CA TYR B 172 5.07 8.15 -4.05
C TYR B 172 4.16 8.14 -5.27
N LEU B 173 3.46 7.03 -5.47
CA LEU B 173 2.45 6.96 -6.51
C LEU B 173 1.18 6.41 -5.90
N GLN B 174 0.14 7.23 -5.85
CA GLN B 174 -1.12 6.76 -5.29
C GLN B 174 -1.65 5.63 -6.16
N SER B 175 -2.26 4.63 -5.53
CA SER B 175 -2.54 3.34 -6.15
C SER B 175 -3.56 3.43 -7.27
N ASN B 176 -4.30 4.53 -7.39
CA ASN B 176 -5.21 4.67 -8.53
C ASN B 176 -4.64 5.62 -9.57
N MET B 177 -3.35 5.97 -9.47
CA MET B 177 -2.76 6.98 -10.36
CA MET B 177 -2.74 6.98 -10.32
C MET B 177 -1.62 6.35 -11.15
N MET B 178 -1.17 7.07 -12.19
CA MET B 178 -0.03 6.63 -12.97
CA MET B 178 -0.05 6.65 -13.03
C MET B 178 1.00 7.74 -13.04
N ALA B 179 2.25 7.34 -13.16
CA ALA B 179 3.36 8.25 -13.29
C ALA B 179 3.67 8.47 -14.77
N ALA B 180 4.34 9.58 -15.11
CA ALA B 180 4.66 9.82 -16.50
C ALA B 180 6.02 10.49 -16.65
N TPO B 181 6.77 10.71 -15.56
CA TPO B 181 8.05 11.35 -15.72
CB TPO B 181 8.64 11.80 -14.38
CG2 TPO B 181 9.97 12.50 -14.46
OG1 TPO B 181 7.66 12.73 -13.87
P TPO B 181 7.00 12.43 -12.43
O1P TPO B 181 6.39 11.08 -12.51
O2P TPO B 181 5.98 13.54 -12.33
O3P TPO B 181 8.08 12.55 -11.41
C TPO B 181 9.02 10.38 -16.39
O TPO B 181 9.18 9.23 -15.94
H TPO B 181 6.50 10.45 -14.73
HA TPO B 181 7.94 12.13 -16.30
HB TPO B 181 8.71 11.02 -13.79
HG21 TPO B 181 10.22 12.62 -15.40
HG22 TPO B 181 10.65 11.97 -14.01
HG23 TPO B 181 9.91 13.37 -14.04
N LEU B 182 9.71 10.86 -17.41
CA LEU B 182 10.73 10.07 -18.10
C LEU B 182 12.01 10.16 -17.29
N CYS B 183 12.36 9.07 -16.60
CA CYS B 183 13.56 9.04 -15.80
C CYS B 183 13.98 7.57 -15.65
N GLY B 184 15.21 7.34 -15.24
CA GLY B 184 15.76 5.99 -15.15
C GLY B 184 16.84 5.83 -16.19
N SER B 185 17.28 4.60 -16.40
CA SER B 185 18.39 4.28 -17.29
C SER B 185 17.85 3.38 -18.39
N PRO B 186 17.94 3.81 -19.66
CA PRO B 186 17.24 3.15 -20.75
C PRO B 186 17.37 1.63 -20.84
N MET B 187 18.54 1.11 -20.50
CA MET B 187 18.76 -0.33 -20.56
C MET B 187 17.85 -1.08 -19.60
N TYR B 188 17.42 -0.41 -18.51
CA TYR B 188 16.63 -1.06 -17.48
C TYR B 188 15.19 -0.57 -17.43
N MET B 189 14.83 0.39 -18.28
CA MET B 189 13.52 1.01 -18.27
C MET B 189 12.50 0.02 -18.82
N ALA B 190 11.34 -0.08 -18.17
CA ALA B 190 10.21 -0.75 -18.82
C ALA B 190 9.86 -0.11 -20.17
N PRO B 191 9.36 -0.91 -21.12
CA PRO B 191 8.86 -0.37 -22.38
C PRO B 191 7.90 0.81 -22.21
N GLU B 192 6.93 0.74 -21.29
CA GLU B 192 6.01 1.85 -21.13
C GLU B 192 6.75 3.13 -20.75
N VAL B 193 7.83 3.04 -19.98
CA VAL B 193 8.59 4.20 -19.57
C VAL B 193 9.32 4.81 -20.76
N ILE B 194 10.11 4.00 -21.48
CA ILE B 194 10.92 4.53 -22.56
C ILE B 194 10.04 4.98 -23.72
N MET B 195 8.84 4.43 -23.87
CA MET B 195 7.93 4.87 -24.91
C MET B 195 7.10 6.08 -24.46
N SER B 196 7.48 6.74 -23.35
CA SER B 196 6.78 7.94 -22.86
C SER B 196 5.30 7.67 -22.60
N GLN B 197 4.95 6.49 -22.13
CA GLN B 197 3.58 6.27 -21.73
C GLN B 197 3.49 6.43 -20.22
N HIS B 198 2.25 6.35 -19.71
CA HIS B 198 2.01 6.29 -18.28
C HIS B 198 2.49 4.94 -17.74
N TYR B 199 2.94 4.91 -16.49
CA TYR B 199 3.39 3.67 -15.89
C TYR B 199 3.05 3.66 -14.41
N ASP B 200 3.27 2.49 -13.81
CA ASP B 200 3.02 2.30 -12.39
C ASP B 200 4.17 1.50 -11.78
N GLY B 201 3.89 0.86 -10.65
CA GLY B 201 4.87 0.13 -9.87
C GLY B 201 5.41 -1.09 -10.60
N LYS B 202 4.70 -1.55 -11.63
CA LYS B 202 5.17 -2.69 -12.40
C LYS B 202 6.36 -2.34 -13.29
N ALA B 203 6.63 -1.06 -13.53
CA ALA B 203 7.81 -0.72 -14.31
C ALA B 203 9.06 -1.16 -13.54
N ASP B 204 9.05 -1.09 -12.19
CA ASP B 204 10.23 -1.50 -11.42
C ASP B 204 10.43 -3.02 -11.58
N LEU B 205 9.35 -3.78 -11.74
CA LEU B 205 9.44 -5.22 -11.88
C LEU B 205 10.11 -5.60 -13.20
N TRP B 206 9.89 -4.81 -14.28
CA TRP B 206 10.64 -5.00 -15.49
C TRP B 206 12.14 -4.77 -15.24
N SER B 207 12.49 -3.70 -14.54
CA SER B 207 13.88 -3.40 -14.25
C SER B 207 14.54 -4.56 -13.49
N ILE B 208 13.81 -5.12 -12.52
CA ILE B 208 14.30 -6.23 -11.73
C ILE B 208 14.49 -7.45 -12.64
N GLY B 209 13.55 -7.70 -13.56
CA GLY B 209 13.67 -8.78 -14.52
C GLY B 209 14.95 -8.63 -15.34
N THR B 210 15.21 -7.39 -15.74
CA THR B 210 16.41 -7.05 -16.49
C THR B 210 17.64 -7.34 -15.63
N ILE B 211 17.66 -6.92 -14.38
CA ILE B 211 18.80 -7.15 -13.51
C ILE B 211 19.05 -8.67 -13.37
N VAL B 212 18.00 -9.43 -13.15
CA VAL B 212 18.13 -10.86 -12.93
C VAL B 212 18.69 -11.52 -14.20
N TYR B 213 18.16 -11.13 -15.35
CA TYR B 213 18.58 -11.60 -16.65
C TYR B 213 20.05 -11.31 -16.88
N GLN B 214 20.46 -10.07 -16.59
CA GLN B 214 21.85 -9.64 -16.71
C GLN B 214 22.75 -10.45 -15.78
N CYS B 215 22.29 -10.74 -14.55
CA CYS B 215 23.05 -11.60 -13.64
C CYS B 215 23.22 -13.00 -14.24
N LEU B 216 22.15 -13.55 -14.82
CA LEU B 216 22.17 -14.87 -15.38
C LEU B 216 23.09 -14.95 -16.59
N THR B 217 23.06 -13.93 -17.45
CA THR B 217 23.62 -14.03 -18.80
C THR B 217 24.78 -13.08 -19.04
N GLY B 218 24.94 -12.02 -18.24
CA GLY B 218 25.95 -11.03 -18.52
C GLY B 218 25.50 -9.99 -19.56
N LYS B 219 24.27 -10.05 -20.06
CA LYS B 219 23.79 -9.03 -20.97
C LYS B 219 22.34 -8.63 -20.67
N ALA B 220 21.92 -7.51 -21.25
CA ALA B 220 20.54 -7.09 -21.20
C ALA B 220 19.75 -8.00 -22.12
N PRO B 221 18.47 -8.28 -21.83
CA PRO B 221 17.66 -9.13 -22.69
C PRO B 221 17.36 -8.53 -24.05
N PHE B 222 17.29 -7.19 -24.12
CA PHE B 222 16.99 -6.49 -25.35
C PHE B 222 18.02 -5.37 -25.52
N GLN B 223 19.08 -5.71 -26.25
CA GLN B 223 20.23 -4.87 -26.49
C GLN B 223 19.98 -4.04 -27.72
N ALA B 224 20.39 -2.77 -27.71
CA ALA B 224 20.27 -1.95 -28.91
C ALA B 224 21.44 -0.97 -28.95
N SER B 225 21.63 -0.31 -30.10
CA SER B 225 22.74 0.61 -30.30
C SER B 225 22.58 1.86 -29.44
N SER B 226 21.32 2.27 -29.23
CA SER B 226 21.04 3.53 -28.57
C SER B 226 19.69 3.42 -27.87
N PRO B 227 19.41 4.34 -26.92
CA PRO B 227 18.08 4.44 -26.31
C PRO B 227 16.98 4.59 -27.35
N GLN B 228 17.25 5.35 -28.42
CA GLN B 228 16.26 5.59 -29.45
C GLN B 228 15.97 4.27 -30.17
N ASP B 229 17.02 3.48 -30.46
CA ASP B 229 16.80 2.21 -31.14
C ASP B 229 16.06 1.24 -30.22
N LEU B 230 16.41 1.24 -28.92
CA LEU B 230 15.72 0.39 -27.98
C LEU B 230 14.24 0.74 -27.95
N ARG B 231 13.94 2.05 -27.94
CA ARG B 231 12.55 2.48 -27.96
C ARG B 231 11.84 1.99 -29.21
N LEU B 232 12.46 2.21 -30.37
CA LEU B 232 11.84 1.80 -31.62
C LEU B 232 11.64 0.28 -31.65
N PHE B 233 12.61 -0.45 -31.12
CA PHE B 233 12.43 -1.89 -31.02
C PHE B 233 11.17 -2.23 -30.24
N TYR B 234 10.98 -1.64 -29.05
CA TYR B 234 9.80 -1.96 -28.24
C TYR B 234 8.52 -1.53 -28.92
N GLU B 235 8.57 -0.37 -29.59
CA GLU B 235 7.41 0.12 -30.31
C GLU B 235 6.99 -0.87 -31.39
N LYS B 236 7.94 -1.41 -32.16
CA LYS B 236 7.53 -2.19 -33.32
C LYS B 236 7.26 -3.64 -32.90
N ASN B 237 7.80 -4.07 -31.75
CA ASN B 237 7.60 -5.45 -31.30
C ASN B 237 6.57 -5.54 -30.18
N LYS B 238 5.38 -6.00 -30.54
CA LYS B 238 4.26 -6.18 -29.64
C LYS B 238 4.39 -7.45 -28.81
N THR B 239 4.98 -8.48 -29.39
CA THR B 239 5.31 -9.67 -28.64
C THR B 239 6.80 -9.64 -28.40
N LEU B 240 7.21 -9.70 -27.14
CA LEU B 240 8.61 -9.67 -26.79
C LEU B 240 8.90 -10.95 -26.05
N VAL B 241 9.95 -11.65 -26.46
CA VAL B 241 10.34 -12.91 -25.83
C VAL B 241 11.83 -12.81 -25.63
N PRO B 242 12.34 -12.75 -24.40
CA PRO B 242 13.77 -12.72 -24.19
C PRO B 242 14.29 -14.14 -24.47
N THR B 243 15.56 -14.21 -24.84
CA THR B 243 16.25 -15.45 -25.09
C THR B 243 16.61 -16.05 -23.75
N ILE B 244 15.96 -17.17 -23.41
CA ILE B 244 16.26 -17.91 -22.20
C ILE B 244 17.32 -18.99 -22.46
N PRO B 245 18.51 -18.95 -21.82
CA PRO B 245 19.52 -20.02 -21.99
C PRO B 245 18.94 -21.40 -21.69
N ARG B 246 19.44 -22.38 -22.45
CA ARG B 246 18.95 -23.75 -22.33
C ARG B 246 19.10 -24.28 -20.92
N GLU B 247 20.14 -23.87 -20.19
CA GLU B 247 20.36 -24.52 -18.89
C GLU B 247 19.49 -23.90 -17.77
N THR B 248 18.70 -22.87 -18.06
CA THR B 248 17.91 -22.18 -17.04
C THR B 248 16.89 -23.12 -16.40
N SER B 249 16.79 -23.11 -15.07
CA SER B 249 15.78 -23.90 -14.39
C SER B 249 14.39 -23.42 -14.77
N ALA B 250 13.39 -24.28 -14.57
CA ALA B 250 12.05 -23.95 -15.01
C ALA B 250 11.50 -22.78 -14.18
N PRO B 251 11.72 -22.74 -12.84
CA PRO B 251 11.21 -21.62 -12.03
C PRO B 251 11.82 -20.29 -12.45
N LEU B 252 13.11 -20.27 -12.76
CA LEU B 252 13.77 -19.04 -13.14
C LEU B 252 13.31 -18.59 -14.52
N ARG B 253 13.14 -19.53 -15.45
CA ARG B 253 12.58 -19.26 -16.77
C ARG B 253 11.22 -18.58 -16.60
N GLN B 254 10.37 -19.17 -15.76
CA GLN B 254 9.03 -18.66 -15.59
C GLN B 254 9.09 -17.24 -15.01
N LEU B 255 9.96 -17.03 -14.03
CA LEU B 255 10.06 -15.74 -13.35
C LEU B 255 10.50 -14.67 -14.35
N LEU B 256 11.53 -14.97 -15.15
CA LEU B 256 12.04 -14.07 -16.15
C LEU B 256 11.00 -13.72 -17.22
N LEU B 257 10.30 -14.75 -17.71
CA LEU B 257 9.30 -14.52 -18.74
C LEU B 257 8.14 -13.72 -18.16
N ALA B 258 7.81 -13.92 -16.87
CA ALA B 258 6.69 -13.20 -16.27
C ALA B 258 7.07 -11.73 -16.01
N LEU B 259 8.33 -11.46 -15.58
CA LEU B 259 8.79 -10.11 -15.34
C LEU B 259 9.00 -9.36 -16.64
N LEU B 260 9.53 -10.02 -17.67
CA LEU B 260 9.89 -9.34 -18.91
C LEU B 260 8.79 -9.45 -19.95
N GLN B 261 7.56 -9.09 -19.51
CA GLN B 261 6.43 -8.95 -20.39
C GLN B 261 6.34 -7.50 -20.81
N ARG B 262 6.13 -7.28 -22.11
CA ARG B 262 6.15 -5.94 -22.69
C ARG B 262 5.02 -5.07 -22.13
N ASN B 263 3.84 -5.65 -22.00
CA ASN B 263 2.66 -4.95 -21.59
C ASN B 263 2.50 -5.05 -20.08
N HIS B 264 2.46 -3.89 -19.42
CA HIS B 264 2.51 -3.84 -17.97
C HIS B 264 1.28 -4.52 -17.38
N LYS B 265 0.15 -4.49 -18.08
CA LYS B 265 -1.04 -5.14 -17.53
C LYS B 265 -0.86 -6.65 -17.49
N ASP B 266 -0.05 -7.24 -18.39
CA ASP B 266 0.15 -8.68 -18.38
C ASP B 266 1.32 -9.06 -17.47
N ARG B 267 2.22 -8.11 -17.18
CA ARG B 267 3.43 -8.39 -16.41
C ARG B 267 3.07 -8.89 -15.02
N MET B 268 3.93 -9.77 -14.51
CA MET B 268 3.87 -10.21 -13.14
C MET B 268 3.54 -9.03 -12.21
N ASP B 269 2.66 -9.29 -11.25
CA ASP B 269 2.37 -8.30 -10.22
C ASP B 269 3.16 -8.62 -8.96
N PHE B 270 3.08 -7.74 -7.99
CA PHE B 270 3.94 -7.82 -6.81
C PHE B 270 3.65 -9.08 -6.01
N ASP B 271 2.37 -9.44 -5.85
CA ASP B 271 2.01 -10.58 -5.03
C ASP B 271 2.61 -11.85 -5.64
N GLU B 272 2.47 -12.01 -6.97
CA GLU B 272 3.05 -13.14 -7.66
C GLU B 272 4.56 -13.16 -7.51
N PHE B 273 5.19 -11.97 -7.62
CA PHE B 273 6.64 -11.88 -7.54
C PHE B 273 7.11 -12.33 -6.16
N PHE B 274 6.47 -11.82 -5.11
CA PHE B 274 6.93 -12.10 -3.75
C PHE B 274 6.77 -13.59 -3.42
N HIS B 275 5.78 -14.27 -4.00
CA HIS B 275 5.48 -15.64 -3.65
C HIS B 275 5.96 -16.59 -4.75
N HIS B 276 6.81 -16.10 -5.68
CA HIS B 276 7.22 -16.93 -6.82
C HIS B 276 8.06 -18.12 -6.33
N PRO B 277 7.78 -19.35 -6.82
CA PRO B 277 8.57 -20.54 -6.46
C PRO B 277 10.09 -20.38 -6.56
N PHE B 278 10.58 -19.59 -7.52
CA PHE B 278 12.01 -19.41 -7.63
C PHE B 278 12.59 -18.87 -6.31
N LEU B 279 11.79 -18.10 -5.56
CA LEU B 279 12.29 -17.47 -4.34
C LEU B 279 12.21 -18.42 -3.14
N ASP B 280 11.59 -19.59 -3.26
CA ASP B 280 11.80 -20.65 -2.26
C ASP B 280 13.26 -21.11 -2.28
C01 XBJ C . -31.38 -3.41 4.54
C02 XBJ C . -32.08 -4.59 4.47
C03 XBJ C . -31.83 -5.48 3.38
C04 XBJ C . -30.91 -5.16 2.42
C05 XBJ C . -30.16 -3.97 2.50
N06 XBJ C . -29.22 -3.68 1.52
C07 XBJ C . -28.57 -2.53 1.62
N08 XBJ C . -28.67 -1.68 2.66
C09 XBJ C . -29.58 -1.90 3.59
C10 XBJ C . -30.39 -3.09 3.57
N11 XBJ C . -29.67 -1.02 4.58
C12 XBJ C . -28.72 0.05 4.68
C13 XBJ C . -29.17 1.07 5.77
C14 XBJ C . -27.99 1.19 6.73
N15 XBJ C . -27.21 -0.04 6.55
C16 XBJ C . -27.30 -0.37 5.11
C17 XBJ C . -29.51 2.38 5.04
C18 XBJ C . -30.63 2.19 4.04
C19 XBJ C . -29.83 3.51 6.01
O20 XBJ C . -28.35 2.79 4.27
C21 XBJ C . -27.52 -2.20 0.64
C22 XBJ C . -27.16 -3.11 -0.35
C23 XBJ C . -26.14 -2.85 -1.25
C24 XBJ C . -25.45 -1.66 -1.18
C25 XBJ C . -25.82 -0.75 -0.22
C26 XBJ C . -26.85 -0.99 0.68
F27 XBJ C . -25.14 0.42 -0.15
O28 XBJ C . -27.85 -4.28 -0.42
O29 XBJ C . -32.58 -6.60 3.46
C30 XBJ C . -32.27 -7.66 2.55
O31 XBJ C . -33.02 -5.03 5.34
C32 XBJ C . -33.47 -4.10 6.32
H01 XBJ C . -31.50 -2.85 5.28
H04 XBJ C . -30.76 -5.76 1.71
H11 XBJ C . -30.30 -1.10 5.17
H12 XBJ C . -28.64 0.49 3.79
H13 XBJ C . -29.98 0.78 6.26
H161 XBJ C . -26.62 0.12 4.61
H162 XBJ C . -27.16 -1.33 4.98
H141 XBJ C . -28.30 1.27 7.65
H142 XBJ C . -27.44 1.98 6.51
H15 XBJ C . -26.38 0.14 6.72
H181 XBJ C . -30.97 1.28 4.10
H182 XBJ C . -30.30 2.36 3.14
H183 XBJ C . -31.36 2.81 4.23
H191 XBJ C . -29.79 3.18 6.92
H192 XBJ C . -30.74 3.85 5.84
H193 XBJ C . -29.20 4.23 5.89
H20 XBJ C . -27.73 2.22 4.37
H26 XBJ C . -27.03 -0.36 1.36
H23 XBJ C . -25.94 -3.48 -1.92
H28 XBJ C . -27.67 -4.86 -1.03
H24 XBJ C . -24.78 -1.46 -1.80
H301 XBJ C . -31.34 -7.92 2.66
H302 XBJ C . -32.41 -7.36 1.64
H303 XBJ C . -32.85 -8.43 2.73
H321 XBJ C . -33.80 -3.29 5.89
H322 XBJ C . -32.73 -3.86 6.92
H323 XBJ C . -34.19 -4.48 6.85
MG MG D . -4.56 6.64 14.00
MG MG E . -16.57 5.81 4.41
NA NA F . -6.74 2.45 -5.71
C01 XBJ G . 31.88 1.81 -4.31
C02 XBJ G . 32.87 1.02 -3.79
C03 XBJ G . 32.85 0.67 -2.40
C04 XBJ G . 31.84 1.10 -1.60
C05 XBJ G . 30.82 1.91 -2.13
N06 XBJ G . 29.82 2.33 -1.30
C07 XBJ G . 28.90 3.10 -1.83
N08 XBJ G . 28.82 3.49 -3.12
C09 XBJ G . 29.75 3.10 -3.96
C10 XBJ G . 30.83 2.26 -3.51
N11 XBJ G . 29.64 3.48 -5.24
C12 XBJ G . 28.43 4.16 -5.77
C13 XBJ G . 28.63 4.71 -7.20
C14 XBJ G . 27.65 3.94 -8.09
N15 XBJ G . 27.21 2.78 -7.30
C16 XBJ G . 27.22 3.20 -5.89
C17 XBJ G . 28.47 6.24 -7.24
C18 XBJ G . 29.63 6.93 -6.54
C19 XBJ G . 28.32 6.77 -8.66
O20 XBJ G . 27.26 6.60 -6.55
C21 XBJ G . 27.79 3.56 -0.96
C22 XBJ G . 27.71 3.14 0.37
C23 XBJ G . 26.66 3.57 1.18
C24 XBJ G . 25.70 4.43 0.66
C25 XBJ G . 25.81 4.87 -0.64
C26 XBJ G . 26.84 4.47 -1.46
F27 XBJ G . 24.86 5.71 -1.13
O28 XBJ G . 28.67 2.27 0.86
O29 XBJ G . 33.90 -0.12 -2.02
C30 XBJ G . 33.96 -0.54 -0.65
O31 XBJ G . 33.94 0.55 -4.48
C32 XBJ G . 34.16 1.12 -5.76
H01 XBJ G . 31.90 2.03 -5.22
H04 XBJ G . 31.83 0.88 -0.69
H11 XBJ G . 30.30 3.33 -5.77
H12 XBJ G . 28.19 4.88 -5.14
H13 XBJ G . 29.55 4.51 -7.51
H161 XBJ G . 26.38 3.67 -5.67
H162 XBJ G . 27.32 2.42 -5.31
H141 XBJ G . 28.08 3.65 -8.91
H142 XBJ G . 26.87 4.50 -8.32
H15 XBJ G . 27.81 2.16 -7.39
H181 XBJ G . 30.24 6.25 -6.17
H182 XBJ G . 29.29 7.47 -5.81
H183 XBJ G . 30.12 7.49 -7.16
H191 XBJ G . 28.41 6.04 -9.29
H192 XBJ G . 29.01 7.43 -8.84
H193 XBJ G . 27.45 7.18 -8.76
H20 XBJ G . 26.89 5.89 -6.25
H26 XBJ G . 26.88 4.75 -2.35
H23 XBJ G . 26.60 3.27 2.06
H28 XBJ G . 28.62 2.00 1.67
H24 XBJ G . 25.00 4.73 1.21
H301 XBJ G . 33.16 -1.05 -0.42
H302 XBJ G . 34.01 0.24 -0.07
H303 XBJ G . 34.75 -1.10 -0.51
H321 XBJ G . 34.21 2.09 -5.68
H322 XBJ G . 33.43 0.89 -6.36
H323 XBJ G . 34.98 0.78 -6.14
MG MG H . 3.95 0.24 -15.55
MG MG I . 15.58 6.41 -7.71
NA NA J . 6.22 6.31 3.54
#